data_7SED
#
_entry.id   7SED
#
_cell.length_a   69.291
_cell.length_b   139.581
_cell.length_c   66.249
_cell.angle_alpha   90.000
_cell.angle_beta   90.000
_cell.angle_gamma   90.000
#
_symmetry.space_group_name_H-M   'C 2 2 21'
#
loop_
_entity.id
_entity.type
_entity.pdbx_description
1 polymer "rRNA 2'-O-methyltransferase fibrillarin"
2 non-polymer N-(piperidin-4-yl)-6-(trifluoromethyl)pyrimidin-4-amine
3 non-polymer 'FORMIC ACID'
4 water water
#
_entity_poly.entity_id   1
_entity_poly.type   'polypeptide(L)'
_entity_poly.pdbx_seq_one_letter_code
;SNAGKNVMVEPHRHEGVFICRGKEDALVTKNLVPGESVYGEKRVSISEGDDKIEYRAWNPFRSKLAAAILGGVDQIHIKP
GAKVLYLGAASGTTVSHVSDIVGPDGLVYAVEFSHRSGRDLINLAKKRTNIIPVIEDARHPHKYRMLIAMVDVIFADVAQ
PDQTRIVALNAHTFLRNGGHFVISIKANCIDSTASAEAVFASEVKKMQQENMKPQEQLTLEPYERDHAVVVGVYRPPPKV
KN
;
_entity_poly.pdbx_strand_id   A
#
# COMPACT_ATOMS: atom_id res chain seq x y z
N VAL A 7 -12.09 -19.50 -18.85
CA VAL A 7 -11.51 -18.28 -18.31
C VAL A 7 -10.76 -18.57 -17.01
N MET A 8 -9.43 -18.48 -17.05
CA MET A 8 -8.61 -18.98 -15.96
C MET A 8 -8.31 -17.94 -14.89
N VAL A 9 -8.44 -16.65 -15.18
CA VAL A 9 -8.18 -15.58 -14.22
C VAL A 9 -9.36 -14.63 -14.25
N GLU A 10 -10.08 -14.54 -13.11
CA GLU A 10 -11.28 -13.72 -13.02
C GLU A 10 -11.02 -12.43 -12.26
N PRO A 11 -11.66 -11.32 -12.65
CA PRO A 11 -11.63 -10.11 -11.80
C PRO A 11 -12.13 -10.40 -10.40
N HIS A 12 -11.26 -10.17 -9.43
CA HIS A 12 -11.62 -10.08 -8.02
C HIS A 12 -12.61 -8.94 -7.82
N ARG A 13 -13.23 -8.94 -6.63
CA ARG A 13 -14.15 -7.86 -6.28
C ARG A 13 -13.46 -6.51 -6.35
N HIS A 14 -12.21 -6.43 -5.93
CA HIS A 14 -11.44 -5.20 -5.99
C HIS A 14 -10.94 -4.95 -7.41
N GLU A 15 -11.27 -3.79 -7.96
CA GLU A 15 -10.84 -3.48 -9.31
C GLU A 15 -9.32 -3.50 -9.40
N GLY A 16 -8.81 -4.13 -10.44
CA GLY A 16 -7.39 -4.26 -10.65
C GLY A 16 -6.75 -5.48 -10.02
N VAL A 17 -7.51 -6.27 -9.26
CA VAL A 17 -7.03 -7.49 -8.64
C VAL A 17 -7.76 -8.66 -9.29
N PHE A 18 -7.13 -9.82 -9.30
CA PHE A 18 -7.65 -11.01 -9.99
C PHE A 18 -7.28 -12.26 -9.20
N ILE A 19 -7.96 -13.38 -9.48
CA ILE A 19 -7.70 -14.66 -8.79
C ILE A 19 -7.35 -15.77 -9.78
N CYS A 20 -6.40 -16.61 -9.39
CA CYS A 20 -5.99 -17.83 -10.12
C CYS A 20 -5.13 -17.50 -11.34
N ALA A 26 -5.35 -17.75 -4.65
CA ALA A 26 -4.20 -17.31 -5.44
C ALA A 26 -4.48 -15.94 -6.09
N LEU A 27 -3.90 -14.90 -5.50
CA LEU A 27 -4.14 -13.53 -5.94
C LEU A 27 -3.11 -13.15 -6.99
N VAL A 28 -3.54 -12.41 -8.01
CA VAL A 28 -2.63 -11.89 -9.01
C VAL A 28 -3.03 -10.47 -9.36
N THR A 29 -2.07 -9.71 -9.85
CA THR A 29 -2.36 -8.44 -10.50
C THR A 29 -1.88 -8.50 -11.94
N LYS A 30 -2.39 -7.58 -12.76
CA LYS A 30 -2.00 -7.48 -14.16
C LYS A 30 -0.64 -6.79 -14.28
N ASN A 31 0.32 -7.50 -14.92
CA ASN A 31 1.68 -7.01 -14.95
C ASN A 31 1.80 -5.80 -15.84
N LEU A 32 2.15 -4.65 -15.25
CA LEU A 32 2.40 -3.43 -16.00
C LEU A 32 3.63 -3.53 -16.89
N VAL A 33 4.57 -4.42 -16.56
CA VAL A 33 5.79 -4.59 -17.35
C VAL A 33 5.86 -6.05 -17.79
N PRO A 34 5.10 -6.45 -18.80
CA PRO A 34 5.13 -7.86 -19.24
C PRO A 34 6.55 -8.34 -19.49
N GLY A 35 6.83 -9.55 -19.00
CA GLY A 35 8.12 -10.18 -19.19
C GLY A 35 9.01 -10.19 -17.97
N GLU A 36 8.72 -9.35 -16.97
CA GLU A 36 9.64 -9.14 -15.88
C GLU A 36 8.99 -9.39 -14.52
N SER A 37 9.73 -10.10 -13.69
CA SER A 37 9.42 -10.32 -12.29
C SER A 37 10.21 -9.30 -11.45
N VAL A 38 9.68 -9.00 -10.28
CA VAL A 38 10.27 -8.01 -9.38
C VAL A 38 11.04 -8.68 -8.25
N TYR A 39 10.46 -9.74 -7.68
CA TYR A 39 11.07 -10.42 -6.57
C TYR A 39 10.95 -11.93 -6.73
N GLY A 40 11.01 -12.41 -7.96
CA GLY A 40 11.00 -13.83 -8.23
C GLY A 40 9.64 -14.46 -8.30
N GLU A 41 8.58 -13.67 -8.32
CA GLU A 41 7.23 -14.20 -8.28
C GLU A 41 6.89 -14.90 -9.60
N LYS A 42 6.01 -15.88 -9.49
CA LYS A 42 5.47 -16.57 -10.66
C LYS A 42 4.70 -15.59 -11.54
N ARG A 43 4.90 -15.71 -12.84
CA ARG A 43 4.14 -14.96 -13.82
C ARG A 43 3.33 -15.92 -14.69
N VAL A 44 2.14 -15.50 -15.06
CA VAL A 44 1.20 -16.29 -15.84
C VAL A 44 0.74 -15.45 -17.02
N SER A 45 1.07 -15.89 -18.23
CA SER A 45 0.67 -15.18 -19.43
C SER A 45 -0.34 -16.02 -20.22
N ILE A 46 -1.40 -15.37 -20.66
CA ILE A 46 -2.51 -16.00 -21.36
C ILE A 46 -2.69 -15.34 -22.71
N SER A 47 -2.63 -16.14 -23.79
CA SER A 47 -2.78 -15.67 -25.16
C SER A 47 -3.99 -16.32 -25.82
N GLU A 48 -4.76 -15.53 -26.59
CA GLU A 48 -5.95 -16.00 -27.31
C GLU A 48 -5.98 -15.31 -28.67
N GLY A 49 -5.46 -15.98 -29.69
CA GLY A 49 -5.33 -15.32 -30.97
C GLY A 49 -4.32 -14.21 -30.87
N ASP A 50 -4.70 -13.01 -31.33
CA ASP A 50 -3.80 -11.86 -31.24
C ASP A 50 -3.67 -11.33 -29.82
N ASP A 51 -4.63 -11.61 -28.95
CA ASP A 51 -4.68 -11.03 -27.61
C ASP A 51 -3.69 -11.71 -26.67
N LYS A 52 -3.16 -10.93 -25.73
CA LYS A 52 -2.17 -11.41 -24.76
C LYS A 52 -2.27 -10.58 -23.49
N ILE A 53 -2.16 -11.24 -22.33
CA ILE A 53 -2.18 -10.57 -21.03
C ILE A 53 -1.42 -11.41 -20.02
N GLU A 54 -0.60 -10.74 -19.21
CA GLU A 54 0.21 -11.40 -18.20
C GLU A 54 -0.19 -10.92 -16.80
N TYR A 55 -0.19 -11.84 -15.85
CA TYR A 55 -0.46 -11.52 -14.46
C TYR A 55 0.74 -11.94 -13.62
N ARG A 56 0.86 -11.36 -12.44
CA ARG A 56 1.95 -11.67 -11.52
C ARG A 56 1.35 -12.17 -10.22
N ALA A 57 1.87 -13.27 -9.69
CA ALA A 57 1.39 -13.78 -8.42
C ALA A 57 1.71 -12.79 -7.31
N TRP A 58 0.79 -12.64 -6.38
CA TRP A 58 0.88 -11.69 -5.28
C TRP A 58 0.89 -12.47 -3.99
N ASN A 59 2.06 -12.56 -3.35
CA ASN A 59 2.25 -13.48 -2.25
C ASN A 59 1.82 -12.86 -0.92
N PRO A 60 0.78 -13.39 -0.27
CA PRO A 60 0.34 -12.80 1.00
C PRO A 60 1.29 -13.00 2.17
N PHE A 61 2.26 -13.90 2.07
CA PHE A 61 3.27 -14.02 3.11
C PHE A 61 4.36 -12.96 2.99
N ARG A 62 4.43 -12.26 1.85
CA ARG A 62 5.38 -11.17 1.66
C ARG A 62 4.71 -9.81 1.58
N SER A 63 3.38 -9.76 1.51
CA SER A 63 2.69 -8.49 1.25
C SER A 63 1.48 -8.42 2.16
N LYS A 64 1.50 -7.45 3.07
CA LYS A 64 0.39 -7.33 3.99
C LYS A 64 -0.90 -6.96 3.28
N LEU A 65 -0.80 -6.22 2.16
CA LEU A 65 -2.00 -5.84 1.44
C LEU A 65 -2.68 -7.08 0.85
N ALA A 66 -1.89 -7.98 0.29
CA ALA A 66 -2.41 -9.25 -0.20
C ALA A 66 -3.04 -10.08 0.93
N ALA A 67 -2.37 -10.18 2.06
CA ALA A 67 -2.96 -10.86 3.21
C ALA A 67 -4.31 -10.26 3.57
N ALA A 68 -4.43 -8.93 3.50
CA ALA A 68 -5.68 -8.28 3.88
C ALA A 68 -6.78 -8.56 2.87
N ILE A 69 -6.44 -8.61 1.59
CA ILE A 69 -7.41 -8.89 0.54
C ILE A 69 -7.91 -10.33 0.67
N LEU A 70 -6.99 -11.27 0.85
CA LEU A 70 -7.42 -12.66 1.07
C LEU A 70 -8.16 -12.83 2.39
N GLY A 71 -7.90 -11.95 3.35
CA GLY A 71 -8.62 -12.00 4.59
C GLY A 71 -9.99 -11.37 4.55
N GLY A 72 -10.35 -10.77 3.41
CA GLY A 72 -11.69 -10.25 3.25
C GLY A 72 -11.88 -8.78 3.58
N VAL A 73 -10.93 -7.93 3.23
CA VAL A 73 -11.12 -6.50 3.49
C VAL A 73 -12.19 -5.98 2.54
N ASP A 74 -13.04 -5.08 3.03
CA ASP A 74 -14.17 -4.59 2.25
C ASP A 74 -13.71 -3.64 1.14
N GLN A 75 -12.84 -2.69 1.48
CA GLN A 75 -12.34 -1.68 0.54
C GLN A 75 -10.83 -1.61 0.67
N ILE A 76 -10.15 -1.34 -0.45
CA ILE A 76 -8.73 -1.01 -0.40
C ILE A 76 -8.43 0.34 -1.02
N HIS A 77 -9.34 0.92 -1.80
CA HIS A 77 -9.29 2.30 -2.28
C HIS A 77 -8.14 2.51 -3.28
N ILE A 78 -7.12 1.67 -3.20
CA ILE A 78 -6.15 1.54 -4.27
C ILE A 78 -6.85 0.93 -5.47
N LYS A 79 -6.96 1.68 -6.56
CA LYS A 79 -7.75 1.28 -7.71
C LYS A 79 -7.20 1.94 -8.96
N PRO A 80 -7.61 1.48 -10.14
CA PRO A 80 -7.13 2.10 -11.39
C PRO A 80 -7.31 3.61 -11.44
N GLY A 81 -6.22 4.31 -11.78
CA GLY A 81 -6.20 5.77 -11.85
C GLY A 81 -5.90 6.47 -10.52
N ALA A 82 -5.80 5.74 -9.43
CA ALA A 82 -5.61 6.37 -8.13
C ALA A 82 -4.20 6.92 -7.98
N LYS A 83 -4.10 8.00 -7.20
CA LYS A 83 -2.83 8.57 -6.76
C LYS A 83 -2.58 8.15 -5.32
N VAL A 84 -1.45 7.50 -5.08
CA VAL A 84 -1.19 6.77 -3.83
C VAL A 84 0.12 7.27 -3.24
N LEU A 85 0.08 7.65 -1.97
CA LEU A 85 1.30 7.92 -1.21
C LEU A 85 1.61 6.70 -0.35
N TYR A 86 2.70 6.01 -0.67
CA TYR A 86 3.05 4.75 -0.04
C TYR A 86 4.21 5.04 0.92
N LEU A 87 3.91 5.09 2.22
CA LEU A 87 4.91 5.41 3.24
C LEU A 87 5.52 4.11 3.77
N GLY A 88 6.83 3.97 3.58
CA GLY A 88 7.55 2.77 4.00
C GLY A 88 7.60 1.76 2.87
N ALA A 89 8.02 2.18 1.68
CA ALA A 89 7.96 1.34 0.50
C ALA A 89 8.98 0.21 0.48
N ALA A 90 9.95 0.19 1.38
CA ALA A 90 10.98 -0.87 1.46
C ALA A 90 11.56 -1.06 0.05
N SER A 91 11.74 -2.29 -0.42
CA SER A 91 12.35 -2.53 -1.72
C SER A 91 11.36 -2.57 -2.85
N GLY A 92 10.08 -2.38 -2.57
CA GLY A 92 9.08 -2.27 -3.61
C GLY A 92 8.24 -3.49 -3.91
N THR A 93 8.23 -4.52 -3.04
CA THR A 93 7.44 -5.71 -3.30
C THR A 93 5.95 -5.38 -3.44
N THR A 94 5.35 -4.84 -2.39
CA THR A 94 3.94 -4.44 -2.49
C THR A 94 3.76 -3.25 -3.42
N VAL A 95 4.66 -2.27 -3.38
CA VAL A 95 4.55 -1.14 -4.29
C VAL A 95 4.37 -1.60 -5.74
N SER A 96 5.06 -2.69 -6.13
CA SER A 96 4.95 -3.11 -7.51
C SER A 96 3.52 -3.55 -7.84
N HIS A 97 2.85 -4.20 -6.91
CA HIS A 97 1.46 -4.59 -7.18
C HIS A 97 0.54 -3.37 -7.14
N VAL A 98 0.80 -2.43 -6.23
CA VAL A 98 0.02 -1.17 -6.25
C VAL A 98 0.16 -0.51 -7.62
N SER A 99 1.39 -0.48 -8.14
CA SER A 99 1.63 0.10 -9.46
C SER A 99 0.83 -0.63 -10.53
N ASP A 100 0.79 -1.97 -10.48
CA ASP A 100 -0.04 -2.73 -11.43
C ASP A 100 -1.49 -2.29 -11.33
N ILE A 101 -2.01 -2.12 -10.10
CA ILE A 101 -3.42 -1.85 -9.88
C ILE A 101 -3.79 -0.46 -10.40
N VAL A 102 -2.99 0.54 -10.06
CA VAL A 102 -3.39 1.89 -10.41
C VAL A 102 -3.15 2.14 -11.90
N GLY A 103 -2.23 1.41 -12.52
CA GLY A 103 -2.04 1.47 -13.96
C GLY A 103 -1.40 2.74 -14.45
N PRO A 104 -1.34 2.90 -15.78
CA PRO A 104 -0.57 4.01 -16.36
C PRO A 104 -1.12 5.38 -16.04
N ASP A 105 -2.42 5.52 -15.80
CA ASP A 105 -2.97 6.81 -15.45
C ASP A 105 -2.97 7.09 -13.95
N GLY A 106 -2.54 6.13 -13.13
CA GLY A 106 -2.34 6.34 -11.70
C GLY A 106 -0.91 6.74 -11.36
N LEU A 107 -0.65 6.83 -10.06
CA LEU A 107 0.63 7.32 -9.55
C LEU A 107 0.87 6.69 -8.19
N VAL A 108 2.12 6.29 -7.93
CA VAL A 108 2.50 5.75 -6.62
C VAL A 108 3.78 6.46 -6.22
N TYR A 109 3.70 7.29 -5.17
CA TYR A 109 4.91 7.80 -4.54
C TYR A 109 5.41 6.77 -3.55
N ALA A 110 6.65 6.34 -3.69
CA ALA A 110 7.22 5.29 -2.84
C ALA A 110 8.24 5.92 -1.90
N VAL A 111 7.80 6.21 -0.68
CA VAL A 111 8.63 6.88 0.32
C VAL A 111 9.36 5.81 1.13
N GLU A 112 10.70 5.86 1.12
CA GLU A 112 11.46 4.85 1.83
C GLU A 112 12.78 5.46 2.26
N PHE A 113 13.14 5.31 3.55
CA PHE A 113 14.32 6.06 3.98
C PHE A 113 15.62 5.28 3.84
N SER A 114 15.58 3.98 3.54
CA SER A 114 16.82 3.23 3.41
C SER A 114 17.45 3.42 2.04
N HIS A 115 18.73 3.84 2.01
CA HIS A 115 19.37 3.98 0.70
C HIS A 115 19.49 2.63 0.00
N ARG A 116 19.71 1.56 0.77
CA ARG A 116 19.83 0.23 0.14
C ARG A 116 18.52 -0.14 -0.56
N SER A 117 17.40 -0.05 0.16
CA SER A 117 16.13 -0.31 -0.49
C SER A 117 15.81 0.71 -1.55
N GLY A 118 16.21 1.97 -1.33
CA GLY A 118 15.98 2.97 -2.34
C GLY A 118 16.53 2.60 -3.70
N ARG A 119 17.71 1.94 -3.72
CA ARG A 119 18.28 1.50 -4.98
C ARG A 119 17.37 0.51 -5.68
N ASP A 120 16.78 -0.43 -4.93
CA ASP A 120 15.82 -1.34 -5.53
C ASP A 120 14.60 -0.60 -6.06
N LEU A 121 14.09 0.38 -5.29
CA LEU A 121 12.95 1.16 -5.78
C LEU A 121 13.28 1.92 -7.04
N ILE A 122 14.48 2.51 -7.12
CA ILE A 122 14.85 3.23 -8.34
C ILE A 122 14.92 2.28 -9.52
N ASN A 123 15.51 1.09 -9.33
CA ASN A 123 15.51 0.12 -10.41
C ASN A 123 14.11 -0.26 -10.81
N LEU A 124 13.21 -0.44 -9.84
CA LEU A 124 11.83 -0.80 -10.18
C LEU A 124 11.14 0.29 -10.98
N ALA A 125 11.35 1.56 -10.61
CA ALA A 125 10.67 2.66 -11.28
C ALA A 125 11.23 2.99 -12.66
N LYS A 126 12.38 2.42 -13.04
CA LYS A 126 12.88 2.67 -14.38
C LYS A 126 11.91 2.15 -15.44
N LYS A 127 11.30 0.99 -15.17
CA LYS A 127 10.35 0.35 -16.06
C LYS A 127 8.92 0.78 -15.81
N ARG A 128 8.61 1.27 -14.62
CA ARG A 128 7.25 1.64 -14.24
C ARG A 128 7.18 3.16 -14.18
N THR A 129 6.55 3.77 -15.17
CA THR A 129 6.53 5.22 -15.21
C THR A 129 5.65 5.78 -14.10
N ASN A 130 4.77 4.97 -13.53
CA ASN A 130 3.86 5.48 -12.50
C ASN A 130 4.41 5.40 -11.08
N ILE A 131 5.68 5.03 -10.90
CA ILE A 131 6.31 5.03 -9.59
C ILE A 131 7.27 6.20 -9.48
N ILE A 132 7.11 6.99 -8.42
CA ILE A 132 8.06 8.04 -8.07
C ILE A 132 8.77 7.61 -6.79
N PRO A 133 10.06 7.27 -6.85
CA PRO A 133 10.81 6.93 -5.62
C PRO A 133 11.16 8.22 -4.88
N VAL A 134 10.89 8.25 -3.59
CA VAL A 134 11.10 9.42 -2.75
C VAL A 134 11.94 8.89 -1.60
N ILE A 135 13.25 9.05 -1.68
CA ILE A 135 14.12 8.37 -0.71
C ILE A 135 14.33 9.32 0.46
N GLU A 136 13.42 9.27 1.43
CA GLU A 136 13.35 10.26 2.49
C GLU A 136 12.69 9.65 3.71
N ASP A 137 12.90 10.30 4.85
CA ASP A 137 12.28 9.96 6.13
C ASP A 137 10.86 10.51 6.19
N ALA A 138 9.88 9.62 6.31
CA ALA A 138 8.50 10.06 6.29
C ALA A 138 8.14 10.92 7.51
N ARG A 139 8.99 10.97 8.53
CA ARG A 139 8.72 11.90 9.62
C ARG A 139 8.91 13.36 9.23
N HIS A 140 9.52 13.66 8.08
CA HIS A 140 9.85 15.04 7.71
C HIS A 140 9.31 15.38 6.34
N PRO A 141 7.98 15.41 6.21
CA PRO A 141 7.41 15.64 4.89
C PRO A 141 7.73 17.01 4.34
N HIS A 142 8.14 17.97 5.18
CA HIS A 142 8.56 19.25 4.63
C HIS A 142 9.74 19.10 3.67
N LYS A 143 10.54 18.03 3.81
CA LYS A 143 11.68 17.86 2.92
C LYS A 143 11.27 17.43 1.51
N TYR A 144 10.10 16.80 1.34
CA TYR A 144 9.69 16.32 0.04
C TYR A 144 8.32 16.84 -0.40
N ARG A 145 7.72 17.79 0.33
CA ARG A 145 6.36 18.20 -0.02
C ARG A 145 6.26 18.83 -1.40
N MET A 146 7.34 19.39 -1.94
CA MET A 146 7.23 19.95 -3.29
C MET A 146 7.22 18.90 -4.37
N LEU A 147 7.52 17.63 -4.04
CA LEU A 147 7.43 16.57 -5.01
C LEU A 147 6.07 15.86 -5.02
N ILE A 148 5.21 16.05 -4.02
CA ILE A 148 4.03 15.20 -3.88
C ILE A 148 2.79 16.02 -4.18
N ALA A 149 2.15 15.73 -5.31
CA ALA A 149 0.82 16.25 -5.61
C ALA A 149 -0.23 15.60 -4.71
N MET A 150 -1.34 16.30 -4.48
N MET A 150 -1.34 16.30 -4.49
CA MET A 150 -2.37 15.76 -3.62
CA MET A 150 -2.39 15.77 -3.63
C MET A 150 -2.77 14.35 -4.04
C MET A 150 -2.78 14.35 -4.05
N VAL A 151 -2.87 13.44 -3.08
CA VAL A 151 -3.17 12.05 -3.39
C VAL A 151 -4.59 11.67 -2.94
N ASP A 152 -5.04 10.54 -3.48
CA ASP A 152 -6.33 9.94 -3.15
C ASP A 152 -6.26 8.99 -1.97
N VAL A 153 -5.10 8.39 -1.70
CA VAL A 153 -4.99 7.31 -0.72
C VAL A 153 -3.57 7.37 -0.13
N ILE A 154 -3.44 7.13 1.18
CA ILE A 154 -2.16 6.89 1.82
C ILE A 154 -2.14 5.44 2.23
N PHE A 155 -1.12 4.71 1.82
CA PHE A 155 -0.83 3.37 2.34
C PHE A 155 0.40 3.51 3.22
N ALA A 156 0.35 2.97 4.46
CA ALA A 156 1.48 3.14 5.38
C ALA A 156 1.87 1.81 6.02
N ASP A 157 3.18 1.54 5.96
CA ASP A 157 3.83 0.45 6.61
C ASP A 157 5.18 0.96 7.13
N VAL A 158 5.15 1.91 8.08
CA VAL A 158 6.42 2.43 8.57
C VAL A 158 6.90 1.73 9.84
N ALA A 159 6.01 1.05 10.56
CA ALA A 159 6.40 0.20 11.69
C ALA A 159 7.21 0.98 12.73
N GLN A 160 6.60 2.02 13.26
CA GLN A 160 7.22 2.87 14.25
C GLN A 160 6.25 3.12 15.39
N PRO A 161 6.77 3.28 16.60
CA PRO A 161 5.89 3.58 17.73
C PRO A 161 5.07 4.82 17.49
N ASP A 162 5.60 5.82 16.79
CA ASP A 162 4.88 7.05 16.52
C ASP A 162 4.26 7.10 15.13
N GLN A 163 3.91 5.94 14.57
CA GLN A 163 3.48 5.94 13.17
C GLN A 163 2.14 6.64 12.96
N THR A 164 1.24 6.66 13.92
CA THR A 164 0.01 7.42 13.65
C THR A 164 0.31 8.91 13.46
N ARG A 165 1.16 9.47 14.31
CA ARG A 165 1.55 10.87 14.14
C ARG A 165 2.22 11.07 12.79
N ILE A 166 3.09 10.13 12.39
CA ILE A 166 3.76 10.24 11.09
C ILE A 166 2.75 10.23 9.96
N VAL A 167 1.81 9.29 10.01
CA VAL A 167 0.84 9.16 8.93
C VAL A 167 -0.10 10.36 8.92
N ALA A 168 -0.52 10.81 10.10
CA ALA A 168 -1.42 11.96 10.18
C ALA A 168 -0.78 13.21 9.56
N LEU A 169 0.49 13.43 9.87
CA LEU A 169 1.23 14.58 9.34
C LEU A 169 1.32 14.54 7.82
N ASN A 170 1.60 13.38 7.25
CA ASN A 170 1.54 13.24 5.80
C ASN A 170 0.12 13.41 5.26
N ALA A 171 -0.89 12.96 5.99
CA ALA A 171 -2.27 13.10 5.54
C ALA A 171 -2.65 14.58 5.50
N HIS A 172 -2.30 15.30 6.54
CA HIS A 172 -2.66 16.72 6.60
C HIS A 172 -1.99 17.48 5.49
N THR A 173 -0.83 17.02 5.05
CA THR A 173 -0.08 17.68 3.98
C THR A 173 -0.54 17.25 2.59
N PHE A 174 -0.87 15.98 2.39
CA PHE A 174 -1.00 15.43 1.05
C PHE A 174 -2.32 14.77 0.70
N LEU A 175 -3.16 14.38 1.67
CA LEU A 175 -4.31 13.57 1.39
C LEU A 175 -5.54 14.44 1.16
N ARG A 176 -6.23 14.23 0.05
CA ARG A 176 -7.45 14.99 -0.26
C ARG A 176 -8.52 14.77 0.80
N ASN A 177 -9.31 15.82 1.04
CA ASN A 177 -10.50 15.65 1.87
C ASN A 177 -11.38 14.54 1.29
N GLY A 178 -11.77 13.59 2.11
CA GLY A 178 -12.53 12.48 1.57
C GLY A 178 -11.69 11.36 0.99
N GLY A 179 -10.37 11.51 0.95
CA GLY A 179 -9.51 10.44 0.53
C GLY A 179 -9.42 9.40 1.62
N HIS A 180 -8.63 8.36 1.35
CA HIS A 180 -8.66 7.19 2.24
C HIS A 180 -7.27 6.81 2.68
N PHE A 181 -7.21 5.92 3.68
CA PHE A 181 -5.93 5.44 4.18
C PHE A 181 -6.06 3.95 4.46
N VAL A 182 -4.94 3.27 4.23
CA VAL A 182 -4.76 1.87 4.54
C VAL A 182 -3.49 1.74 5.35
N ILE A 183 -3.59 1.34 6.62
CA ILE A 183 -2.48 1.39 7.54
C ILE A 183 -2.21 0.00 8.13
N SER A 184 -0.99 -0.46 7.98
CA SER A 184 -0.52 -1.70 8.54
C SER A 184 0.04 -1.44 9.94
N ILE A 185 -0.39 -2.26 10.90
CA ILE A 185 0.04 -2.07 12.27
C ILE A 185 0.62 -3.39 12.76
N LYS A 186 1.94 -3.44 12.93
CA LYS A 186 2.59 -4.60 13.58
C LYS A 186 2.72 -4.31 15.07
N ALA A 187 2.00 -5.06 15.91
CA ALA A 187 1.83 -4.61 17.29
C ALA A 187 3.16 -4.52 18.01
N ASN A 188 4.05 -5.48 17.82
CA ASN A 188 5.24 -5.36 18.66
C ASN A 188 6.25 -4.36 18.11
N CYS A 189 6.02 -3.76 16.93
CA CYS A 189 6.86 -2.64 16.49
C CYS A 189 6.37 -1.31 17.05
N ILE A 190 5.11 -1.23 17.44
CA ILE A 190 4.59 -0.05 18.12
C ILE A 190 4.89 -0.08 19.61
N ASP A 191 4.52 -1.17 20.30
CA ASP A 191 4.83 -1.25 21.72
C ASP A 191 4.87 -2.72 22.10
N SER A 192 6.09 -3.25 22.23
CA SER A 192 6.21 -4.70 22.44
C SER A 192 5.86 -5.14 23.86
N THR A 193 5.63 -4.24 24.79
CA THR A 193 5.17 -4.66 26.10
C THR A 193 3.65 -4.59 26.27
N ALA A 194 2.91 -4.24 25.21
CA ALA A 194 1.45 -4.16 25.24
C ALA A 194 0.87 -5.33 24.47
N SER A 195 -0.37 -5.72 24.79
CA SER A 195 -1.04 -6.73 23.99
C SER A 195 -1.40 -6.15 22.63
N ALA A 196 -1.55 -7.03 21.67
CA ALA A 196 -1.96 -6.61 20.33
C ALA A 196 -3.23 -5.78 20.41
N GLU A 197 -4.21 -6.24 21.21
CA GLU A 197 -5.47 -5.51 21.32
C GLU A 197 -5.26 -4.11 21.87
N ALA A 198 -4.40 -3.96 22.88
CA ALA A 198 -4.12 -2.64 23.42
C ALA A 198 -3.46 -1.72 22.40
N VAL A 199 -2.55 -2.27 21.59
CA VAL A 199 -1.90 -1.45 20.57
C VAL A 199 -2.90 -1.00 19.53
N PHE A 200 -3.68 -1.95 19.00
CA PHE A 200 -4.61 -1.61 17.93
C PHE A 200 -5.65 -0.63 18.39
N ALA A 201 -6.20 -0.83 19.58
CA ALA A 201 -7.15 0.14 20.14
C ALA A 201 -6.52 1.52 20.30
N SER A 202 -5.30 1.57 20.80
CA SER A 202 -4.62 2.84 21.00
C SER A 202 -4.36 3.55 19.68
N GLU A 203 -3.94 2.80 18.66
CA GLU A 203 -3.73 3.40 17.35
C GLU A 203 -5.05 3.89 16.75
N VAL A 204 -6.11 3.10 16.85
CA VAL A 204 -7.40 3.53 16.32
C VAL A 204 -7.86 4.80 17.00
N LYS A 205 -7.72 4.84 18.33
CA LYS A 205 -8.10 6.03 19.07
C LYS A 205 -7.32 7.25 18.56
N LYS A 206 -6.00 7.10 18.42
CA LYS A 206 -5.17 8.21 17.92
C LYS A 206 -5.58 8.64 16.51
N MET A 207 -5.88 7.68 15.64
CA MET A 207 -6.34 8.01 14.29
C MET A 207 -7.62 8.85 14.32
N GLN A 208 -8.56 8.47 15.17
CA GLN A 208 -9.83 9.22 15.27
C GLN A 208 -9.59 10.67 15.67
N GLN A 209 -8.61 10.90 16.54
CA GLN A 209 -8.30 12.24 16.96
C GLN A 209 -7.62 13.09 15.90
N GLU A 210 -7.17 12.48 14.81
CA GLU A 210 -6.58 13.19 13.68
C GLU A 210 -7.55 13.23 12.50
N ASN A 211 -8.83 12.95 12.75
CA ASN A 211 -9.87 12.94 11.73
C ASN A 211 -9.63 11.87 10.69
N MET A 212 -8.89 10.85 11.05
CA MET A 212 -8.74 9.64 10.25
C MET A 212 -9.73 8.65 10.84
N LYS A 213 -10.86 8.50 10.16
CA LYS A 213 -11.96 7.76 10.74
C LYS A 213 -11.88 6.33 10.23
N PRO A 214 -11.53 5.36 11.06
CA PRO A 214 -11.54 3.97 10.58
C PRO A 214 -12.93 3.51 10.19
N GLN A 215 -12.98 2.79 9.09
CA GLN A 215 -14.18 2.16 8.59
C GLN A 215 -14.11 0.65 8.65
N GLU A 216 -12.93 0.09 8.80
CA GLU A 216 -12.84 -1.34 9.06
C GLU A 216 -11.44 -1.65 9.54
N GLN A 217 -11.33 -2.75 10.27
CA GLN A 217 -10.05 -3.19 10.82
C GLN A 217 -10.08 -4.70 10.84
N LEU A 218 -8.95 -5.31 10.51
CA LEU A 218 -8.88 -6.75 10.47
C LEU A 218 -7.46 -7.16 10.82
N THR A 219 -7.31 -8.40 11.28
CA THR A 219 -5.99 -8.95 11.47
C THR A 219 -5.66 -9.87 10.32
N LEU A 220 -4.43 -10.37 10.32
CA LEU A 220 -3.85 -10.96 9.12
C LEU A 220 -3.51 -12.44 9.30
N GLU A 221 -4.06 -13.09 10.33
CA GLU A 221 -3.85 -14.54 10.45
C GLU A 221 -4.44 -15.26 9.22
N PRO A 222 -3.81 -16.35 8.74
CA PRO A 222 -2.61 -17.05 9.21
C PRO A 222 -1.29 -16.55 8.62
N TYR A 223 -1.34 -15.43 7.90
CA TYR A 223 -0.14 -14.96 7.22
C TYR A 223 0.80 -14.21 8.16
N GLU A 224 0.25 -13.50 9.14
CA GLU A 224 1.08 -12.77 10.11
C GLU A 224 0.41 -12.85 11.47
N ARG A 225 1.21 -12.79 12.53
CA ARG A 225 0.73 -12.78 13.89
C ARG A 225 0.66 -11.36 14.42
N ASP A 226 -0.40 -11.03 15.16
CA ASP A 226 -0.51 -9.74 15.84
C ASP A 226 -0.18 -8.59 14.91
N HIS A 227 -0.82 -8.64 13.73
CA HIS A 227 -0.66 -7.66 12.68
C HIS A 227 -2.03 -7.22 12.19
N ALA A 228 -2.29 -5.92 12.20
CA ALA A 228 -3.57 -5.39 11.79
C ALA A 228 -3.44 -4.52 10.55
N VAL A 229 -4.53 -4.44 9.80
CA VAL A 229 -4.75 -3.42 8.77
C VAL A 229 -6.01 -2.64 9.08
N VAL A 230 -5.90 -1.33 9.05
CA VAL A 230 -7.01 -0.44 9.36
C VAL A 230 -7.23 0.39 8.11
N VAL A 231 -8.48 0.45 7.65
CA VAL A 231 -8.87 1.18 6.44
C VAL A 231 -9.89 2.24 6.81
N GLY A 232 -9.75 3.44 6.23
CA GLY A 232 -10.69 4.49 6.59
C GLY A 232 -10.64 5.68 5.67
N VAL A 233 -11.33 6.72 6.13
CA VAL A 233 -11.57 7.92 5.33
C VAL A 233 -11.08 9.11 6.12
N TYR A 234 -10.49 10.09 5.44
CA TYR A 234 -9.90 11.25 6.05
C TYR A 234 -10.90 12.39 5.90
N ARG A 235 -11.34 12.96 7.00
CA ARG A 235 -12.41 13.99 6.99
C ARG A 235 -11.96 15.18 7.83
N PRO A 236 -11.05 15.98 7.31
CA PRO A 236 -10.43 17.02 8.12
C PRO A 236 -11.34 18.23 8.25
N PRO A 237 -11.11 19.07 9.25
CA PRO A 237 -11.95 20.26 9.44
C PRO A 237 -11.61 21.35 8.44
N PRO A 238 -12.44 22.40 8.37
CA PRO A 238 -12.08 23.58 7.57
C PRO A 238 -10.94 24.36 8.19
#